data_5WKQ
#
_entry.id   5WKQ
#
_cell.length_a   171.429
_cell.length_b   171.429
_cell.length_c   40.591
_cell.angle_alpha   90.000
_cell.angle_beta   90.000
_cell.angle_gamma   90.000
#
_symmetry.space_group_name_H-M   'I 4'
#
loop_
_entity.id
_entity.type
_entity.pdbx_description
1 polymer 'Invasin IpaB'
2 water water
#
_entity_poly.entity_id   1
_entity_poly.type   'polypeptide(L)'
_entity_poly.pdbx_seq_one_letter_code
;GSTGSNASSQLTLLIGNLIQILGEKSLTALTNKITAWKSQQQARQQKNLEFSDKINTLLSETEGLTRDYEKQINKLKNAD
SKIKDLENKINQIQTRLSELDPESPEKKKLSREEIQLTIKKDAAVKDRTLIEQKTLSIHSKLTDKSMQLEKEIDSFSAFS
NTASAEQLSTQQKS
;
_entity_poly.pdbx_strand_id   A,B
#
# COMPACT_ATOMS: atom_id res chain seq x y z
N ASN A 6 -7.03 -11.87 27.50
CA ASN A 6 -8.08 -12.42 28.38
C ASN A 6 -7.65 -13.71 29.12
N ALA A 7 -6.74 -14.49 28.53
CA ALA A 7 -6.14 -15.54 29.33
C ALA A 7 -5.51 -14.92 30.57
N SER A 8 -4.98 -13.70 30.45
CA SER A 8 -4.36 -13.06 31.60
C SER A 8 -5.37 -12.77 32.69
N SER A 9 -6.60 -12.40 32.35
CA SER A 9 -7.57 -12.10 33.41
C SER A 9 -8.21 -13.36 33.98
N GLN A 10 -8.38 -14.41 33.18
CA GLN A 10 -8.84 -15.69 33.71
C GLN A 10 -7.82 -16.26 34.68
N LEU A 11 -6.53 -16.16 34.33
CA LEU A 11 -5.46 -16.59 35.22
C LEU A 11 -5.54 -15.87 36.55
N THR A 12 -5.75 -14.56 36.50
CA THR A 12 -5.85 -13.76 37.72
C THR A 12 -7.00 -14.22 38.60
N LEU A 13 -8.16 -14.50 38.02
CA LEU A 13 -9.23 -15.11 38.81
C LEU A 13 -8.80 -16.45 39.38
N LEU A 14 -8.20 -17.30 38.52
CA LEU A 14 -7.90 -18.67 38.92
C LEU A 14 -6.99 -18.69 40.12
N ILE A 15 -5.87 -17.96 40.05
CA ILE A 15 -4.94 -17.99 41.17
C ILE A 15 -5.56 -17.36 42.41
N GLY A 16 -6.34 -16.29 42.24
CA GLY A 16 -6.98 -15.68 43.41
C GLY A 16 -7.90 -16.65 44.14
N ASN A 17 -8.71 -17.37 43.38
CA ASN A 17 -9.56 -18.39 43.97
C ASN A 17 -8.75 -19.49 44.66
N LEU A 18 -7.65 -19.93 44.06
CA LEU A 18 -6.87 -21.00 44.68
C LEU A 18 -6.28 -20.52 46.00
N ILE A 19 -5.76 -19.29 46.03
CA ILE A 19 -5.23 -18.74 47.29
C ILE A 19 -6.30 -18.66 48.38
N GLN A 20 -7.55 -18.33 48.01
CA GLN A 20 -8.59 -18.15 49.03
C GLN A 20 -8.69 -19.37 49.96
N ILE A 21 -8.47 -20.56 49.41
CA ILE A 21 -8.61 -21.81 50.16
C ILE A 21 -7.27 -22.39 50.59
N LEU A 22 -6.28 -22.36 49.69
CA LEU A 22 -5.01 -23.04 49.93
C LEU A 22 -4.00 -22.20 50.69
N GLY A 23 -4.10 -20.88 50.63
CA GLY A 23 -3.20 -20.03 51.40
C GLY A 23 -2.14 -19.39 50.51
N GLU A 24 -1.79 -18.15 50.83
CA GLU A 24 -1.02 -17.33 49.91
C GLU A 24 0.42 -17.81 49.86
N LYS A 25 1.04 -18.00 51.03
CA LYS A 25 2.43 -18.42 51.05
C LYS A 25 2.60 -19.82 50.48
N SER A 26 1.60 -20.69 50.56
CA SER A 26 1.78 -22.01 49.97
C SER A 26 1.86 -21.97 48.44
N LEU A 27 1.42 -20.88 47.80
CA LEU A 27 1.41 -20.77 46.34
C LEU A 27 2.37 -19.72 45.81
N THR A 28 3.35 -19.33 46.61
CA THR A 28 4.24 -18.24 46.24
C THR A 28 4.93 -18.50 44.89
N ALA A 29 5.48 -19.70 44.71
CA ALA A 29 6.23 -19.97 43.49
C ALA A 29 5.33 -19.92 42.26
N LEU A 30 4.10 -20.42 42.39
CA LEU A 30 3.14 -20.34 41.31
C LEU A 30 2.76 -18.89 41.01
N THR A 31 2.48 -18.11 42.05
CA THR A 31 2.22 -16.68 41.89
C THR A 31 3.33 -15.99 41.11
N ASN A 32 4.58 -16.29 41.44
CA ASN A 32 5.68 -15.61 40.77
C ASN A 32 5.80 -16.06 39.31
N LYS A 33 5.54 -17.33 39.04
CA LYS A 33 5.52 -17.79 37.66
C LYS A 33 4.39 -17.11 36.87
N ILE A 34 3.26 -16.85 37.54
CA ILE A 34 2.16 -16.15 36.86
C ILE A 34 2.55 -14.71 36.54
N THR A 35 3.20 -14.03 37.50
CA THR A 35 3.64 -12.67 37.25
C THR A 35 4.61 -12.59 36.08
N ALA A 36 5.53 -13.56 35.99
CA ALA A 36 6.48 -13.61 34.89
C ALA A 36 5.77 -13.87 33.55
N TRP A 37 4.77 -14.75 33.56
CA TRP A 37 4.04 -15.04 32.34
C TRP A 37 3.33 -13.79 31.82
N LYS A 38 2.68 -13.03 32.70
CA LYS A 38 1.98 -11.82 32.28
C LYS A 38 2.95 -10.79 31.72
N SER A 39 4.09 -10.61 32.36
CA SER A 39 5.07 -9.66 31.88
C SER A 39 5.58 -10.06 30.50
N GLN A 40 5.86 -11.34 30.30
CA GLN A 40 6.31 -11.77 28.98
C GLN A 40 5.22 -11.59 27.92
N GLN A 41 4.00 -12.00 28.24
CA GLN A 41 2.88 -11.77 27.32
C GLN A 41 2.78 -10.29 26.94
N GLN A 42 2.82 -9.39 27.92
CA GLN A 42 2.68 -7.97 27.60
C GLN A 42 3.81 -7.49 26.72
N ALA A 43 5.04 -7.93 26.97
CA ALA A 43 6.16 -7.52 26.11
C ALA A 43 5.98 -8.03 24.69
N ARG A 44 5.52 -9.27 24.49
CA ARG A 44 5.36 -9.78 23.13
C ARG A 44 4.23 -9.07 22.40
N GLN A 45 3.13 -8.78 23.10
CA GLN A 45 2.04 -8.06 22.45
C GLN A 45 2.56 -6.72 21.93
N GLN A 46 3.40 -6.04 22.72
CA GLN A 46 3.90 -4.74 22.30
C GLN A 46 4.79 -4.86 21.08
N LYS A 47 5.67 -5.87 21.05
CA LYS A 47 6.51 -6.08 19.88
C LYS A 47 5.67 -6.44 18.66
N ASN A 48 4.64 -7.27 18.85
CA ASN A 48 3.78 -7.60 17.71
C ASN A 48 3.15 -6.34 17.12
N LEU A 49 2.68 -5.44 17.98
CA LEU A 49 2.05 -4.21 17.50
C LEU A 49 3.03 -3.35 16.73
N GLU A 50 4.25 -3.21 17.24
CA GLU A 50 5.27 -2.44 16.52
C GLU A 50 5.62 -3.11 15.22
N PHE A 51 5.72 -4.44 15.23
CA PHE A 51 6.05 -5.16 14.00
C PHE A 51 4.97 -4.97 12.97
N SER A 52 3.72 -5.15 13.37
CA SER A 52 2.62 -5.04 12.41
C SER A 52 2.58 -3.65 11.77
N ASP A 53 2.76 -2.58 12.56
CA ASP A 53 2.75 -1.24 11.99
C ASP A 53 3.94 -1.01 11.04
N LYS A 54 5.13 -1.48 11.39
CA LYS A 54 6.30 -1.30 10.52
C LYS A 54 6.13 -1.99 9.18
N ILE A 55 5.54 -3.19 9.22
CA ILE A 55 5.23 -3.92 7.99
C ILE A 55 4.19 -3.15 7.16
N ASN A 56 3.15 -2.64 7.81
CA ASN A 56 2.13 -1.89 7.08
C ASN A 56 2.78 -0.73 6.34
N THR A 57 3.69 -0.01 7.00
CA THR A 57 4.35 1.09 6.32
C THR A 57 5.23 0.58 5.17
N LEU A 58 5.93 -0.54 5.36
CA LEU A 58 6.77 -1.03 4.27
C LEU A 58 5.92 -1.45 3.07
N LEU A 59 4.76 -2.04 3.32
CA LEU A 59 3.87 -2.39 2.23
C LEU A 59 3.38 -1.14 1.49
N SER A 60 3.07 -0.06 2.23
CA SER A 60 2.68 1.18 1.56
C SER A 60 3.84 1.74 0.72
N GLU A 61 5.04 1.74 1.28
CA GLU A 61 6.18 2.32 0.55
C GLU A 61 6.48 1.50 -0.70
N THR A 62 6.36 0.17 -0.59
CA THR A 62 6.60 -0.71 -1.71
C THR A 62 5.54 -0.51 -2.79
N GLU A 63 4.29 -0.38 -2.38
CA GLU A 63 3.21 -0.04 -3.32
C GLU A 63 3.52 1.25 -4.06
N GLY A 64 3.89 2.30 -3.33
CA GLY A 64 4.18 3.57 -4.00
C GLY A 64 5.29 3.47 -5.02
N LEU A 65 6.36 2.73 -4.68
CA LEU A 65 7.49 2.54 -5.60
C LEU A 65 7.11 1.67 -6.79
N THR A 66 6.23 0.69 -6.58
CA THR A 66 5.69 -0.08 -7.68
C THR A 66 4.93 0.81 -8.66
N ARG A 67 4.11 1.74 -8.15
CA ARG A 67 3.40 2.67 -9.03
C ARG A 67 4.37 3.47 -9.88
N ASP A 68 5.44 4.01 -9.27
CA ASP A 68 6.46 4.73 -10.03
C ASP A 68 7.08 3.81 -11.07
N TYR A 69 7.36 2.57 -10.66
CA TYR A 69 8.03 1.62 -11.54
C TYR A 69 7.17 1.31 -12.76
N GLU A 70 5.88 1.04 -12.53
CA GLU A 70 5.01 0.75 -13.68
C GLU A 70 4.92 1.96 -14.60
N LYS A 71 4.90 3.17 -14.02
CA LYS A 71 4.85 4.37 -14.84
C LYS A 71 6.03 4.43 -15.80
N GLN A 72 7.23 4.15 -15.28
CA GLN A 72 8.43 4.20 -16.11
C GLN A 72 8.45 3.08 -17.14
N ILE A 73 8.12 1.85 -16.73
CA ILE A 73 8.09 0.72 -17.64
C ILE A 73 7.19 1.03 -18.85
N ASN A 74 6.04 1.67 -18.61
CA ASN A 74 5.15 1.98 -19.73
C ASN A 74 5.74 3.08 -20.61
N LYS A 75 6.41 4.07 -20.00
CA LYS A 75 7.16 5.06 -20.77
C LYS A 75 8.24 4.38 -21.63
N LEU A 76 8.93 3.38 -21.07
CA LEU A 76 9.98 2.70 -21.80
C LEU A 76 9.41 1.90 -22.96
N LYS A 77 8.22 1.31 -22.79
CA LYS A 77 7.61 0.58 -23.89
C LYS A 77 7.31 1.51 -25.04
N ASN A 78 6.83 2.72 -24.76
CA ASN A 78 6.47 3.64 -25.82
C ASN A 78 7.70 4.22 -26.50
N ALA A 79 8.77 4.42 -25.74
CA ALA A 79 10.03 4.88 -26.32
C ALA A 79 10.62 3.81 -27.23
N ASP A 80 10.57 2.54 -26.81
CA ASP A 80 11.11 1.45 -27.62
C ASP A 80 10.38 1.32 -28.95
N SER A 81 9.06 1.42 -28.91
CA SER A 81 8.22 1.36 -30.11
C SER A 81 8.49 2.52 -31.06
N LYS A 82 8.55 3.75 -30.52
CA LYS A 82 8.81 4.94 -31.33
C LYS A 82 10.13 4.81 -32.05
N ILE A 83 11.15 4.33 -31.34
CA ILE A 83 12.48 4.20 -31.88
C ILE A 83 12.52 3.14 -32.97
N LYS A 84 11.90 1.98 -32.73
CA LYS A 84 11.83 0.95 -33.75
C LYS A 84 11.15 1.45 -35.01
N ASP A 85 10.06 2.19 -34.86
CA ASP A 85 9.36 2.72 -36.01
C ASP A 85 10.25 3.69 -36.80
N LEU A 86 10.96 4.59 -36.10
CA LEU A 86 11.79 5.58 -36.77
C LEU A 86 12.95 4.92 -37.50
N GLU A 87 13.66 4.01 -36.82
CA GLU A 87 14.70 3.23 -37.48
C GLU A 87 14.16 2.51 -38.70
N ASN A 88 12.92 2.02 -38.61
CA ASN A 88 12.33 1.30 -39.74
C ASN A 88 12.11 2.26 -40.91
N LYS A 89 11.59 3.47 -40.65
CA LYS A 89 11.33 4.39 -41.75
C LYS A 89 12.64 4.90 -42.36
N ILE A 90 13.65 5.08 -41.51
CA ILE A 90 14.95 5.56 -41.98
C ILE A 90 15.63 4.51 -42.85
N ASN A 91 15.57 3.23 -42.45
CA ASN A 91 16.13 2.17 -43.27
C ASN A 91 15.44 2.13 -44.63
N GLN A 92 14.13 2.38 -44.67
CA GLN A 92 13.41 2.32 -45.92
C GLN A 92 13.78 3.50 -46.83
N ILE A 93 13.88 4.70 -46.27
CA ILE A 93 14.31 5.86 -47.04
C ILE A 93 15.70 5.62 -47.61
N GLN A 94 16.58 4.97 -46.82
CA GLN A 94 17.94 4.75 -47.29
C GLN A 94 17.97 3.72 -48.42
N THR A 95 17.08 2.75 -48.38
CA THR A 95 16.97 1.83 -49.50
C THR A 95 16.54 2.57 -50.75
N ARG A 96 15.52 3.41 -50.62
CA ARG A 96 15.08 4.18 -51.77
C ARG A 96 16.23 5.05 -52.29
N LEU A 97 16.93 5.73 -51.37
CA LEU A 97 17.99 6.64 -51.76
C LEU A 97 19.06 5.91 -52.57
N SER A 98 19.39 4.68 -52.19
CA SER A 98 20.46 3.95 -52.85
C SER A 98 20.13 3.62 -54.30
N GLU A 99 18.84 3.64 -54.67
CA GLU A 99 18.37 3.22 -55.99
C GLU A 99 18.33 4.35 -57.01
N LEU A 100 18.48 5.60 -56.58
CA LEU A 100 18.39 6.72 -57.50
C LEU A 100 19.60 6.75 -58.44
N ASP A 101 19.32 6.88 -59.74
CA ASP A 101 20.38 7.35 -60.64
C ASP A 101 20.91 8.66 -60.08
N PRO A 102 22.20 8.96 -60.23
CA PRO A 102 22.80 10.08 -59.50
C PRO A 102 22.10 11.42 -59.70
N GLU A 103 22.21 12.00 -60.90
CA GLU A 103 21.59 13.31 -61.18
C GLU A 103 20.08 13.20 -60.99
N SER A 104 19.62 13.29 -59.74
CA SER A 104 18.24 13.04 -59.38
C SER A 104 17.67 14.25 -58.65
N PRO A 105 16.37 14.49 -58.77
CA PRO A 105 15.73 15.54 -57.95
C PRO A 105 15.01 14.96 -56.76
N GLU A 106 14.74 13.64 -56.80
CA GLU A 106 14.01 12.97 -55.73
C GLU A 106 14.87 12.82 -54.49
N LYS A 107 16.21 12.74 -54.67
CA LYS A 107 17.14 12.84 -53.55
C LYS A 107 16.78 13.99 -52.62
N LYS A 108 16.40 15.16 -53.17
CA LYS A 108 16.19 16.33 -52.32
C LYS A 108 15.13 16.05 -51.27
N LYS A 109 13.92 15.64 -51.69
CA LYS A 109 12.84 15.38 -50.74
C LYS A 109 13.22 14.25 -49.78
N LEU A 110 13.84 13.19 -50.28
CA LEU A 110 14.12 12.02 -49.45
C LEU A 110 15.16 12.33 -48.39
N SER A 111 16.27 12.97 -48.78
CA SER A 111 17.29 13.30 -47.79
C SER A 111 16.76 14.25 -46.73
N ARG A 112 15.96 15.26 -47.14
CA ARG A 112 15.23 16.10 -46.19
C ARG A 112 14.44 15.23 -45.20
N GLU A 113 13.70 14.26 -45.70
CA GLU A 113 12.90 13.40 -44.82
C GLU A 113 13.79 12.56 -43.92
N GLU A 114 14.89 12.02 -44.45
CA GLU A 114 15.77 11.21 -43.59
C GLU A 114 16.39 12.07 -42.49
N ILE A 115 16.77 13.32 -42.82
CA ILE A 115 17.34 14.21 -41.81
C ILE A 115 16.35 14.42 -40.68
N GLN A 116 15.09 14.71 -41.02
CA GLN A 116 14.12 15.06 -39.98
C GLN A 116 13.78 13.86 -39.09
N LEU A 117 13.74 12.66 -39.68
CA LEU A 117 13.55 11.45 -38.90
C LEU A 117 14.72 11.19 -37.96
N THR A 118 15.94 11.41 -38.44
CA THR A 118 17.11 11.12 -37.61
C THR A 118 17.18 12.06 -36.41
N ILE A 119 16.80 13.31 -36.59
CA ILE A 119 16.71 14.23 -35.46
C ILE A 119 15.70 13.72 -34.42
N LYS A 120 14.55 13.22 -34.87
CA LYS A 120 13.57 12.68 -33.95
C LYS A 120 14.08 11.42 -33.27
N LYS A 121 14.76 10.55 -34.03
CA LYS A 121 15.25 9.33 -33.42
C LYS A 121 16.34 9.64 -32.41
N ASP A 122 17.26 10.54 -32.73
CA ASP A 122 18.29 10.92 -31.76
C ASP A 122 17.65 11.39 -30.46
N ALA A 123 16.60 12.18 -30.55
CA ALA A 123 15.93 12.64 -29.34
C ALA A 123 15.25 11.49 -28.61
N ALA A 124 14.65 10.55 -29.34
CA ALA A 124 13.99 9.42 -28.66
C ALA A 124 15.00 8.51 -28.00
N VAL A 125 16.19 8.38 -28.58
CA VAL A 125 17.18 7.53 -27.96
C VAL A 125 17.66 8.13 -26.64
N LYS A 126 17.87 9.46 -26.60
CA LYS A 126 18.25 10.11 -25.35
C LYS A 126 17.16 9.95 -24.30
N ASP A 127 15.89 10.03 -24.72
CA ASP A 127 14.79 9.80 -23.78
C ASP A 127 14.83 8.36 -23.25
N ARG A 128 14.94 7.37 -24.15
CA ARG A 128 15.00 5.99 -23.70
C ARG A 128 16.06 5.84 -22.63
N THR A 129 17.20 6.46 -22.87
CA THR A 129 18.29 6.31 -21.92
C THR A 129 17.91 6.88 -20.56
N LEU A 130 17.22 8.03 -20.53
CA LEU A 130 16.77 8.60 -19.25
C LEU A 130 15.82 7.65 -18.53
N ILE A 131 14.85 7.09 -19.27
CA ILE A 131 13.85 6.21 -18.66
C ILE A 131 14.52 4.98 -18.10
N GLU A 132 15.44 4.40 -18.87
CA GLU A 132 16.22 3.29 -18.36
C GLU A 132 16.91 3.67 -17.06
N GLN A 133 17.41 4.90 -16.97
CA GLN A 133 18.08 5.32 -15.74
C GLN A 133 17.10 5.43 -14.58
N LYS A 134 15.92 6.03 -14.81
CA LYS A 134 14.97 6.18 -13.72
C LYS A 134 14.46 4.82 -13.28
N THR A 135 14.23 3.93 -14.25
CA THR A 135 13.70 2.59 -13.95
C THR A 135 14.66 1.81 -13.07
N LEU A 136 15.97 1.96 -13.29
CA LEU A 136 16.92 1.24 -12.46
C LEU A 136 17.00 1.82 -11.05
N SER A 137 16.82 3.13 -10.90
CA SER A 137 16.89 3.73 -9.59
C SER A 137 15.71 3.31 -8.72
N ILE A 138 14.54 3.16 -9.35
CA ILE A 138 13.36 2.66 -8.63
C ILE A 138 13.56 1.19 -8.27
N HIS A 139 14.06 0.39 -9.21
CA HIS A 139 14.42 -0.99 -8.91
C HIS A 139 15.32 -1.07 -7.69
N SER A 140 16.33 -0.20 -7.61
CA SER A 140 17.29 -0.30 -6.51
C SER A 140 16.68 0.15 -5.18
N LYS A 141 15.78 1.14 -5.22
CA LYS A 141 15.01 1.53 -4.05
C LYS A 141 14.13 0.38 -3.56
N LEU A 142 13.56 -0.39 -4.48
CA LEU A 142 12.79 -1.56 -4.07
C LEU A 142 13.70 -2.59 -3.43
N THR A 143 14.93 -2.69 -3.92
CA THR A 143 15.91 -3.56 -3.31
C THR A 143 16.24 -3.10 -1.89
N ASP A 144 16.46 -1.79 -1.70
CA ASP A 144 16.64 -1.28 -0.35
C ASP A 144 15.47 -1.67 0.54
N LYS A 145 14.24 -1.58 0.04
CA LYS A 145 13.09 -1.92 0.88
C LYS A 145 13.10 -3.40 1.28
N SER A 146 13.40 -4.29 0.34
CA SER A 146 13.45 -5.71 0.65
C SER A 146 14.48 -5.97 1.72
N MET A 147 15.55 -5.18 1.75
CA MET A 147 16.57 -5.38 2.77
C MET A 147 16.18 -4.75 4.09
N GLN A 148 15.43 -3.65 4.07
CA GLN A 148 14.85 -3.13 5.32
C GLN A 148 13.85 -4.13 5.89
N LEU A 149 13.06 -4.79 5.04
CA LEU A 149 12.16 -5.82 5.53
C LEU A 149 12.95 -6.94 6.19
N GLU A 150 14.05 -7.35 5.56
CA GLU A 150 14.87 -8.39 6.16
C GLU A 150 15.40 -7.98 7.52
N LYS A 151 15.87 -6.72 7.67
CA LYS A 151 16.33 -6.24 8.97
C LYS A 151 15.22 -6.29 10.01
N GLU A 152 13.98 -5.99 9.61
CA GLU A 152 12.91 -6.02 10.61
C GLU A 152 12.60 -7.44 11.04
N ILE A 153 12.69 -8.40 10.11
CA ILE A 153 12.47 -9.81 10.46
C ILE A 153 13.58 -10.31 11.39
N ASP A 154 14.84 -9.97 11.08
CA ASP A 154 15.95 -10.33 11.96
C ASP A 154 15.80 -9.67 13.32
N SER A 155 15.30 -8.42 13.33
CA SER A 155 15.07 -7.75 14.61
C SER A 155 14.01 -8.46 15.44
N PHE A 156 12.91 -8.90 14.81
CA PHE A 156 11.85 -9.59 15.55
C PHE A 156 12.34 -10.93 16.08
N SER A 157 13.08 -11.67 15.25
CA SER A 157 13.58 -12.98 15.64
C SER A 157 14.58 -12.85 16.77
N ALA A 158 15.40 -11.79 16.75
CA ALA A 158 16.32 -11.53 17.87
C ALA A 158 15.55 -11.36 19.17
N PHE A 159 14.51 -10.51 19.15
CA PHE A 159 13.69 -10.34 20.34
C PHE A 159 13.05 -11.66 20.75
N SER A 160 12.41 -12.34 19.80
CA SER A 160 11.58 -13.48 20.14
C SER A 160 12.40 -14.63 20.73
N ASN A 161 13.64 -14.78 20.30
CA ASN A 161 14.47 -15.87 20.81
C ASN A 161 15.22 -15.55 22.09
N THR A 162 15.14 -14.31 22.60
CA THR A 162 15.79 -13.98 23.87
C THR A 162 14.85 -13.31 24.86
N ALA A 163 13.54 -13.41 24.65
CA ALA A 163 12.58 -12.66 25.46
C ALA A 163 12.36 -13.22 26.87
N SER A 164 12.85 -14.41 27.21
CA SER A 164 12.62 -14.97 28.54
C SER A 164 13.92 -15.47 29.17
N ALA A 165 13.91 -15.59 30.51
CA ALA A 165 15.10 -16.10 31.21
C ALA A 165 15.31 -17.58 30.91
N GLU A 166 14.24 -18.38 30.93
CA GLU A 166 14.33 -19.78 30.56
C GLU A 166 14.90 -19.96 29.15
N GLN A 167 14.63 -19.02 28.24
CA GLN A 167 15.16 -19.12 26.88
C GLN A 167 16.69 -19.02 26.87
N LEU A 168 17.25 -18.15 27.71
CA LEU A 168 18.69 -17.94 27.74
C LEU A 168 19.44 -19.04 28.51
N SER A 169 18.84 -19.62 29.55
CA SER A 169 19.54 -20.67 30.29
C SER A 169 19.51 -22.02 29.58
N THR A 170 18.48 -22.31 28.78
CA THR A 170 18.35 -23.60 28.12
C THR A 170 18.88 -23.53 26.69
N GLN A 171 19.54 -24.60 26.25
CA GLN A 171 20.04 -24.68 24.89
C GLN A 171 18.90 -24.94 23.90
N ASN B 6 -24.51 34.01 14.16
CA ASN B 6 -24.92 34.77 15.34
C ASN B 6 -24.42 36.20 15.25
N ALA B 7 -23.09 36.35 15.24
CA ALA B 7 -22.50 37.67 15.30
C ALA B 7 -22.86 38.48 14.07
N SER B 8 -22.97 37.83 12.91
CA SER B 8 -23.31 38.59 11.70
C SER B 8 -24.61 39.37 11.89
N SER B 9 -25.61 38.73 12.49
CA SER B 9 -26.91 39.40 12.68
C SER B 9 -26.84 40.46 13.77
N GLN B 10 -26.09 40.21 14.84
CA GLN B 10 -25.88 41.25 15.83
C GLN B 10 -25.16 42.45 15.22
N LEU B 11 -24.21 42.19 14.32
CA LEU B 11 -23.55 43.28 13.62
C LEU B 11 -24.54 44.08 12.80
N THR B 12 -25.43 43.38 12.10
CA THR B 12 -26.44 44.05 11.28
C THR B 12 -27.31 44.98 12.13
N LEU B 13 -27.77 44.49 13.29
CA LEU B 13 -28.57 45.33 14.19
C LEU B 13 -27.75 46.50 14.70
N LEU B 14 -26.48 46.27 15.00
CA LEU B 14 -25.65 47.33 15.55
C LEU B 14 -25.42 48.44 14.54
N ILE B 15 -25.06 48.10 13.30
CA ILE B 15 -24.74 49.16 12.34
C ILE B 15 -26.00 49.89 11.95
N GLY B 16 -27.13 49.20 11.87
CA GLY B 16 -28.38 49.87 11.57
C GLY B 16 -28.76 50.86 12.67
N ASN B 17 -28.54 50.47 13.93
CA ASN B 17 -28.79 51.36 15.05
C ASN B 17 -27.88 52.57 15.00
N LEU B 18 -26.60 52.36 14.67
CA LEU B 18 -25.68 53.48 14.56
C LEU B 18 -26.09 54.39 13.41
N ILE B 19 -26.48 53.81 12.28
CA ILE B 19 -26.88 54.61 11.12
C ILE B 19 -28.11 55.44 11.45
N GLN B 20 -29.05 54.88 12.21
CA GLN B 20 -30.31 55.55 12.52
C GLN B 20 -30.06 56.94 13.08
N ILE B 21 -29.01 57.10 13.89
CA ILE B 21 -28.74 58.35 14.59
C ILE B 21 -27.58 59.11 13.95
N LEU B 22 -26.55 58.41 13.45
CA LEU B 22 -25.37 59.11 12.96
C LEU B 22 -25.41 59.41 11.46
N GLY B 23 -26.27 58.73 10.69
CA GLY B 23 -26.37 58.90 9.24
C GLY B 23 -25.43 58.01 8.47
N GLU B 24 -25.84 57.62 7.25
CA GLU B 24 -25.01 56.73 6.43
C GLU B 24 -23.69 57.38 5.96
N LYS B 25 -23.72 58.66 5.55
CA LYS B 25 -22.54 59.24 4.89
C LYS B 25 -21.31 59.22 5.81
N SER B 26 -21.48 59.54 7.08
CA SER B 26 -20.33 59.56 7.98
C SER B 26 -19.85 58.16 8.41
N LEU B 27 -20.53 57.08 8.01
CA LEU B 27 -20.16 55.71 8.38
C LEU B 27 -19.85 54.85 7.16
N THR B 28 -19.64 55.48 6.00
CA THR B 28 -19.38 54.73 4.79
C THR B 28 -18.24 53.72 4.96
N ALA B 29 -17.13 54.16 5.54
CA ALA B 29 -15.97 53.28 5.62
C ALA B 29 -16.31 52.07 6.50
N LEU B 30 -16.95 52.33 7.62
CA LEU B 30 -17.32 51.25 8.54
C LEU B 30 -18.32 50.32 7.88
N THR B 31 -19.35 50.88 7.24
CA THR B 31 -20.34 50.05 6.54
C THR B 31 -19.66 49.16 5.51
N ASN B 32 -18.69 49.71 4.77
CA ASN B 32 -17.99 48.91 3.76
C ASN B 32 -17.21 47.79 4.41
N LYS B 33 -16.47 48.10 5.47
CA LYS B 33 -15.77 47.06 6.21
C LYS B 33 -16.72 45.97 6.71
N ILE B 34 -17.93 46.36 7.13
CA ILE B 34 -18.85 45.35 7.65
C ILE B 34 -19.33 44.43 6.53
N THR B 35 -19.65 45.00 5.37
CA THR B 35 -20.03 44.19 4.21
C THR B 35 -18.91 43.21 3.83
N ALA B 36 -17.67 43.67 3.86
CA ALA B 36 -16.53 42.76 3.64
C ALA B 36 -16.47 41.68 4.71
N TRP B 37 -16.61 42.05 5.99
CA TRP B 37 -16.58 41.04 7.05
C TRP B 37 -17.64 39.97 6.82
N LYS B 38 -18.85 40.39 6.45
CA LYS B 38 -19.94 39.46 6.30
C LYS B 38 -19.70 38.50 5.13
N SER B 39 -19.19 38.99 4.00
CA SER B 39 -18.99 38.07 2.87
C SER B 39 -17.80 37.15 3.09
N GLN B 40 -16.72 37.62 3.75
CA GLN B 40 -15.66 36.71 4.18
C GLN B 40 -16.18 35.64 5.13
N GLN B 41 -17.04 36.01 6.08
CA GLN B 41 -17.58 35.03 7.02
C GLN B 41 -18.48 34.04 6.30
N GLN B 42 -19.25 34.50 5.32
CA GLN B 42 -20.10 33.58 4.56
C GLN B 42 -19.27 32.62 3.73
N ALA B 43 -18.17 33.12 3.13
CA ALA B 43 -17.33 32.26 2.29
C ALA B 43 -16.63 31.19 3.13
N ARG B 44 -16.09 31.59 4.28
CA ARG B 44 -15.44 30.64 5.17
C ARG B 44 -16.44 29.66 5.76
N GLN B 45 -17.65 30.12 6.03
CA GLN B 45 -18.68 29.19 6.49
C GLN B 45 -19.06 28.18 5.40
N GLN B 46 -19.15 28.62 4.13
CA GLN B 46 -19.42 27.67 3.05
C GLN B 46 -18.25 26.68 2.92
N LYS B 47 -17.01 27.16 2.99
CA LYS B 47 -15.87 26.25 2.89
C LYS B 47 -15.86 25.24 4.04
N ASN B 48 -16.19 25.68 5.26
CA ASN B 48 -16.21 24.74 6.36
C ASN B 48 -17.28 23.68 6.15
N LEU B 49 -18.43 24.05 5.60
CA LEU B 49 -19.46 23.04 5.36
C LEU B 49 -19.04 22.05 4.27
N GLU B 50 -18.42 22.54 3.19
CA GLU B 50 -17.94 21.66 2.13
C GLU B 50 -16.93 20.67 2.68
N PHE B 51 -15.99 21.17 3.49
CA PHE B 51 -14.97 20.33 4.09
C PHE B 51 -15.60 19.26 4.96
N SER B 52 -16.48 19.67 5.86
CA SER B 52 -17.11 18.73 6.76
C SER B 52 -17.87 17.66 6.00
N ASP B 53 -18.60 18.04 4.97
CA ASP B 53 -19.34 17.06 4.19
C ASP B 53 -18.38 16.11 3.47
N LYS B 54 -17.25 16.62 2.99
CA LYS B 54 -16.30 15.75 2.30
C LYS B 54 -15.61 14.77 3.28
N ILE B 55 -15.27 15.24 4.48
CA ILE B 55 -14.70 14.34 5.48
C ILE B 55 -15.67 13.21 5.80
N ASN B 56 -16.96 13.54 5.99
CA ASN B 56 -17.92 12.50 6.33
C ASN B 56 -18.02 11.46 5.22
N THR B 57 -17.98 11.91 3.97
CA THR B 57 -18.02 10.99 2.84
C THR B 57 -16.80 10.08 2.82
N LEU B 58 -15.62 10.68 2.91
CA LEU B 58 -14.39 9.90 2.92
C LEU B 58 -14.36 8.93 4.08
N LEU B 59 -14.90 9.33 5.25
CA LEU B 59 -14.87 8.43 6.40
C LEU B 59 -15.74 7.21 6.15
N SER B 60 -16.98 7.43 5.70
CA SER B 60 -17.85 6.31 5.39
C SER B 60 -17.28 5.42 4.30
N GLU B 61 -16.65 6.01 3.27
CA GLU B 61 -16.03 5.21 2.20
C GLU B 61 -14.85 4.40 2.73
N THR B 62 -14.02 5.01 3.57
CA THR B 62 -12.88 4.29 4.14
C THR B 62 -13.36 3.14 5.03
N GLU B 63 -14.38 3.36 5.84
CA GLU B 63 -14.90 2.30 6.70
C GLU B 63 -15.36 1.11 5.87
N GLY B 64 -15.97 1.37 4.71
CA GLY B 64 -16.43 0.29 3.88
C GLY B 64 -15.29 -0.47 3.23
N LEU B 65 -14.29 0.26 2.72
CA LEU B 65 -13.10 -0.38 2.19
C LEU B 65 -12.38 -1.18 3.26
N THR B 66 -12.36 -0.67 4.50
CA THR B 66 -11.71 -1.41 5.57
C THR B 66 -12.43 -2.73 5.81
N ARG B 67 -13.77 -2.71 5.76
CA ARG B 67 -14.54 -3.95 5.87
C ARG B 67 -14.19 -4.92 4.75
N ASP B 68 -14.10 -4.42 3.52
CA ASP B 68 -13.73 -5.31 2.42
C ASP B 68 -12.36 -5.90 2.66
N TYR B 69 -11.44 -5.05 3.10
CA TYR B 69 -10.08 -5.50 3.34
C TYR B 69 -10.05 -6.65 4.35
N GLU B 70 -10.76 -6.50 5.46
CA GLU B 70 -10.74 -7.54 6.48
C GLU B 70 -11.39 -8.83 5.96
N LYS B 71 -12.45 -8.71 5.14
CA LYS B 71 -13.03 -9.91 4.54
C LYS B 71 -11.99 -10.66 3.69
N GLN B 72 -11.17 -9.93 2.95
CA GLN B 72 -10.19 -10.57 2.09
C GLN B 72 -9.05 -11.19 2.89
N ILE B 73 -8.69 -10.57 4.01
CA ILE B 73 -7.69 -11.20 4.87
C ILE B 73 -8.20 -12.54 5.39
N ASN B 74 -9.49 -12.60 5.77
CA ASN B 74 -10.06 -13.87 6.19
C ASN B 74 -9.95 -14.91 5.08
N LYS B 75 -10.21 -14.49 3.84
CA LYS B 75 -10.11 -15.42 2.71
C LYS B 75 -8.68 -15.86 2.50
N LEU B 76 -7.74 -14.95 2.74
CA LEU B 76 -6.34 -15.27 2.54
C LEU B 76 -5.85 -16.26 3.57
N LYS B 77 -6.26 -16.09 4.83
CA LYS B 77 -5.83 -17.02 5.87
C LYS B 77 -6.40 -18.40 5.61
N ASN B 78 -7.67 -18.47 5.20
CA ASN B 78 -8.25 -19.76 4.84
C ASN B 78 -7.52 -20.40 3.66
N ALA B 79 -7.12 -19.59 2.67
CA ALA B 79 -6.41 -20.17 1.53
C ALA B 79 -5.04 -20.67 1.93
N ASP B 80 -4.32 -19.90 2.73
CA ASP B 80 -3.07 -20.38 3.31
C ASP B 80 -3.25 -21.73 4.00
N SER B 81 -4.32 -21.86 4.80
CA SER B 81 -4.50 -23.09 5.57
C SER B 81 -4.82 -24.26 4.65
N LYS B 82 -5.62 -24.03 3.60
CA LYS B 82 -5.98 -25.11 2.70
C LYS B 82 -4.76 -25.58 1.92
N ILE B 83 -3.87 -24.64 1.53
CA ILE B 83 -2.67 -24.98 0.79
C ILE B 83 -1.66 -25.70 1.69
N LYS B 84 -1.50 -25.25 2.94
CA LYS B 84 -0.61 -25.96 3.86
C LYS B 84 -1.09 -27.40 4.09
N ASP B 85 -2.40 -27.59 4.19
CA ASP B 85 -2.93 -28.94 4.39
C ASP B 85 -2.65 -29.83 3.19
N LEU B 86 -2.71 -29.26 1.98
CA LEU B 86 -2.38 -30.03 0.79
C LEU B 86 -0.90 -30.32 0.70
N GLU B 87 -0.05 -29.33 1.02
CA GLU B 87 1.38 -29.61 1.07
C GLU B 87 1.71 -30.68 2.09
N ASN B 88 0.98 -30.74 3.21
CA ASN B 88 1.22 -31.76 4.22
C ASN B 88 0.88 -33.15 3.69
N LYS B 89 -0.28 -33.27 3.05
CA LYS B 89 -0.68 -34.54 2.45
C LYS B 89 0.29 -34.96 1.35
N ILE B 90 0.71 -34.01 0.49
CA ILE B 90 1.65 -34.32 -0.57
C ILE B 90 2.90 -34.96 0.01
N ASN B 91 3.50 -34.26 0.98
CA ASN B 91 4.77 -34.70 1.51
C ASN B 91 4.64 -36.00 2.27
N GLN B 92 3.51 -36.22 2.95
CA GLN B 92 3.29 -37.53 3.57
C GLN B 92 3.26 -38.64 2.51
N ILE B 93 2.59 -38.41 1.37
CA ILE B 93 2.50 -39.46 0.36
C ILE B 93 3.88 -39.75 -0.21
N GLN B 94 4.71 -38.71 -0.36
CA GLN B 94 6.05 -38.92 -0.87
C GLN B 94 6.91 -39.70 0.13
N THR B 95 6.75 -39.40 1.42
CA THR B 95 7.37 -40.22 2.45
C THR B 95 6.88 -41.66 2.38
N ARG B 96 5.57 -41.85 2.37
CA ARG B 96 5.02 -43.21 2.33
C ARG B 96 5.45 -43.95 1.05
N LEU B 97 5.55 -43.23 -0.08
CA LEU B 97 5.95 -43.85 -1.35
C LEU B 97 7.40 -44.32 -1.32
N SER B 98 8.28 -43.60 -0.62
CA SER B 98 9.64 -44.08 -0.43
C SER B 98 9.69 -45.33 0.44
N GLU B 99 8.71 -45.49 1.34
CA GLU B 99 8.66 -46.62 2.26
C GLU B 99 8.07 -47.88 1.65
N LEU B 100 7.52 -47.82 0.44
CA LEU B 100 6.85 -48.97 -0.15
C LEU B 100 7.75 -49.67 -1.16
N ASP B 101 7.45 -50.95 -1.40
CA ASP B 101 8.22 -51.74 -2.35
C ASP B 101 8.15 -51.09 -3.72
N PRO B 102 9.29 -50.78 -4.36
CA PRO B 102 9.29 -49.93 -5.55
C PRO B 102 8.26 -50.22 -6.63
N GLU B 103 7.65 -51.43 -6.66
CA GLU B 103 6.66 -51.75 -7.69
C GLU B 103 5.38 -52.33 -7.10
N SER B 104 5.15 -52.15 -5.79
CA SER B 104 4.00 -52.73 -5.11
C SER B 104 2.71 -52.09 -5.60
N PRO B 105 1.52 -52.52 -5.11
CA PRO B 105 0.27 -51.93 -5.61
C PRO B 105 -0.06 -50.59 -4.96
N GLU B 106 -0.10 -50.54 -3.62
CA GLU B 106 -0.31 -49.27 -2.94
C GLU B 106 0.59 -48.19 -3.52
N LYS B 107 1.77 -48.59 -4.01
CA LYS B 107 2.69 -47.63 -4.64
C LYS B 107 2.06 -46.95 -5.85
N LYS B 108 1.48 -47.73 -6.76
CA LYS B 108 0.89 -47.16 -7.98
C LYS B 108 -0.39 -46.39 -7.68
N LYS B 109 -1.20 -46.82 -6.69
CA LYS B 109 -2.42 -46.12 -6.34
C LYS B 109 -2.15 -44.87 -5.52
N LEU B 110 -1.06 -44.85 -4.75
CA LEU B 110 -0.66 -43.62 -4.07
C LEU B 110 -0.15 -42.58 -5.07
N SER B 111 0.58 -43.03 -6.10
CA SER B 111 1.08 -42.10 -7.10
C SER B 111 -0.06 -41.54 -7.94
N ARG B 112 -1.12 -42.34 -8.15
CA ARG B 112 -2.34 -41.77 -8.71
C ARG B 112 -2.92 -40.72 -7.78
N GLU B 113 -2.88 -40.98 -6.47
CA GLU B 113 -3.42 -40.05 -5.49
C GLU B 113 -2.59 -38.78 -5.40
N GLU B 114 -1.26 -38.90 -5.43
CA GLU B 114 -0.40 -37.73 -5.36
C GLU B 114 -0.70 -36.76 -6.49
N ILE B 115 -0.87 -37.26 -7.72
CA ILE B 115 -1.17 -36.40 -8.85
C ILE B 115 -2.44 -35.60 -8.60
N GLN B 116 -3.49 -36.25 -8.06
CA GLN B 116 -4.74 -35.53 -7.83
C GLN B 116 -4.58 -34.47 -6.74
N LEU B 117 -3.85 -34.76 -5.67
CA LEU B 117 -3.60 -33.74 -4.67
C LEU B 117 -2.86 -32.56 -5.28
N THR B 118 -1.84 -32.84 -6.10
CA THR B 118 -1.01 -31.79 -6.65
C THR B 118 -1.82 -30.85 -7.53
N ILE B 119 -2.78 -31.38 -8.29
CA ILE B 119 -3.57 -30.49 -9.14
C ILE B 119 -4.59 -29.70 -8.30
N LYS B 120 -5.08 -30.24 -7.18
CA LYS B 120 -5.91 -29.44 -6.29
C LYS B 120 -5.10 -28.34 -5.61
N LYS B 121 -3.82 -28.60 -5.32
CA LYS B 121 -2.99 -27.55 -4.75
C LYS B 121 -2.71 -26.45 -5.76
N ASP B 122 -2.27 -26.82 -6.97
CA ASP B 122 -1.95 -25.82 -8.00
C ASP B 122 -3.12 -24.86 -8.20
N ALA B 123 -4.35 -25.36 -8.14
CA ALA B 123 -5.53 -24.50 -8.26
C ALA B 123 -5.73 -23.64 -7.02
N ALA B 124 -5.59 -24.22 -5.81
CA ALA B 124 -5.66 -23.42 -4.58
C ALA B 124 -4.68 -22.26 -4.61
N VAL B 125 -3.50 -22.48 -5.21
CA VAL B 125 -2.51 -21.42 -5.32
C VAL B 125 -2.96 -20.36 -6.32
N LYS B 126 -3.36 -20.76 -7.52
CA LYS B 126 -3.96 -19.81 -8.45
C LYS B 126 -5.04 -19.01 -7.72
N ASP B 127 -5.94 -19.69 -7.00
CA ASP B 127 -6.99 -18.96 -6.30
C ASP B 127 -6.42 -18.01 -5.26
N ARG B 128 -5.39 -18.43 -4.52
CA ARG B 128 -4.80 -17.54 -3.54
C ARG B 128 -4.24 -16.29 -4.20
N THR B 129 -3.54 -16.46 -5.32
CA THR B 129 -2.99 -15.31 -6.04
C THR B 129 -4.08 -14.31 -6.38
N LEU B 130 -5.22 -14.79 -6.88
CA LEU B 130 -6.32 -13.87 -7.14
C LEU B 130 -6.69 -13.09 -5.88
N ILE B 131 -6.82 -13.80 -4.75
CA ILE B 131 -7.20 -13.14 -3.50
C ILE B 131 -6.20 -12.06 -3.14
N GLU B 132 -4.90 -12.36 -3.25
CA GLU B 132 -3.85 -11.37 -3.01
C GLU B 132 -4.01 -10.16 -3.92
N GLN B 133 -4.22 -10.39 -5.22
CA GLN B 133 -4.43 -9.31 -6.17
C GLN B 133 -5.54 -8.37 -5.72
N LYS B 134 -6.71 -8.92 -5.38
CA LYS B 134 -7.81 -8.03 -5.06
C LYS B 134 -7.64 -7.41 -3.67
N THR B 135 -6.85 -8.05 -2.81
CA THR B 135 -6.50 -7.40 -1.55
C THR B 135 -5.65 -6.16 -1.78
N LEU B 136 -4.61 -6.27 -2.63
CA LEU B 136 -3.75 -5.13 -2.93
C LEU B 136 -4.51 -4.03 -3.66
N SER B 137 -5.54 -4.39 -4.42
CA SER B 137 -6.36 -3.37 -5.08
C SER B 137 -7.15 -2.55 -4.05
N ILE B 138 -7.75 -3.22 -3.05
CA ILE B 138 -8.39 -2.51 -1.96
C ILE B 138 -7.38 -1.63 -1.22
N HIS B 139 -6.21 -2.19 -0.90
CA HIS B 139 -5.14 -1.38 -0.33
C HIS B 139 -4.90 -0.12 -1.16
N SER B 140 -4.79 -0.30 -2.48
CA SER B 140 -4.54 0.85 -3.34
C SER B 140 -5.66 1.86 -3.25
N LYS B 141 -6.92 1.40 -3.22
CA LYS B 141 -8.02 2.36 -3.05
C LYS B 141 -7.96 3.06 -1.70
N LEU B 142 -7.46 2.39 -0.67
CA LEU B 142 -7.32 3.04 0.62
C LEU B 142 -6.25 4.11 0.56
N THR B 143 -5.14 3.80 -0.12
CA THR B 143 -4.12 4.81 -0.36
C THR B 143 -4.73 6.00 -1.13
N ASP B 144 -5.58 5.73 -2.12
CA ASP B 144 -6.21 6.84 -2.84
C ASP B 144 -7.06 7.69 -1.88
N LYS B 145 -7.76 7.05 -0.94
CA LYS B 145 -8.53 7.85 0.01
C LYS B 145 -7.63 8.77 0.82
N SER B 146 -6.49 8.26 1.28
CA SER B 146 -5.58 9.10 2.03
C SER B 146 -5.11 10.29 1.20
N MET B 147 -4.85 10.09 -0.11
CA MET B 147 -4.41 11.21 -0.97
C MET B 147 -5.54 12.23 -1.19
N GLN B 148 -6.78 11.75 -1.34
CA GLN B 148 -7.93 12.65 -1.45
C GLN B 148 -8.13 13.45 -0.17
N LEU B 149 -7.94 12.83 1.00
CA LEU B 149 -8.03 13.59 2.24
C LEU B 149 -6.97 14.69 2.30
N GLU B 150 -5.73 14.34 1.95
CA GLU B 150 -4.66 15.34 1.96
C GLU B 150 -4.92 16.45 0.96
N LYS B 151 -5.46 16.12 -0.21
CA LYS B 151 -5.80 17.18 -1.17
C LYS B 151 -6.87 18.12 -0.59
N GLU B 152 -7.88 17.54 0.07
CA GLU B 152 -8.94 18.35 0.69
C GLU B 152 -8.40 19.23 1.79
N ILE B 153 -7.44 18.73 2.57
CA ILE B 153 -6.84 19.57 3.59
C ILE B 153 -6.01 20.69 2.94
N ASP B 154 -5.28 20.37 1.87
CA ASP B 154 -4.48 21.39 1.19
C ASP B 154 -5.38 22.48 0.58
N SER B 155 -6.52 22.11 -0.04
CA SER B 155 -7.47 23.10 -0.53
C SER B 155 -7.94 24.00 0.59
N PHE B 156 -8.25 23.42 1.75
CA PHE B 156 -8.67 24.24 2.89
C PHE B 156 -7.59 25.24 3.24
N SER B 157 -6.32 24.82 3.20
CA SER B 157 -5.20 25.73 3.47
C SER B 157 -5.06 26.81 2.41
N ALA B 158 -5.27 26.48 1.13
CA ALA B 158 -5.14 27.48 0.07
C ALA B 158 -6.31 28.46 0.10
N PHE B 159 -7.48 28.02 0.58
CA PHE B 159 -8.61 28.92 0.72
C PHE B 159 -8.20 30.19 1.48
N SER B 160 -7.46 30.02 2.58
CA SER B 160 -7.07 31.14 3.44
C SER B 160 -6.03 32.04 2.78
N ASN B 161 -4.99 31.44 2.19
CA ASN B 161 -3.96 32.21 1.48
C ASN B 161 -4.59 33.25 0.58
N THR B 162 -5.81 33.01 0.12
CA THR B 162 -6.55 33.93 -0.73
C THR B 162 -7.99 34.16 -0.20
#